data_7UOG
#
_entry.id   7UOG
#
_cell.length_a   74.901
_cell.length_b   131.576
_cell.length_c   135.926
_cell.angle_alpha   90.000
_cell.angle_beta   90.000
_cell.angle_gamma   90.000
#
_symmetry.space_group_name_H-M   'I 2 2 2'
#
loop_
_entity.id
_entity.type
_entity.pdbx_description
1 polymer "DNA (5'-D(AP*CP*CP*TP*GP*TP*GP*AP*CP*AP*AP*AP*TP*TP*GP*CP*CP*CP*TP*CP*AP*GP*AP*CP*CP*CP*GP*CP*CP*TP*T)-3'"
2 polymer "DNA (5'-D(GP*TP*AP*AP*GP*GP*CP*GP*GP*GP*TP*CP*TP*GP*AP*GP*GP*GP*CP*AP*AP*TP*TP*TP*GP*TP*CP*AP*CP*AP*G)-3'"
3 polymer 'Replication initiation protein'
4 non-polymer 'MAGNESIUM ION'
5 water water
#
loop_
_entity_poly.entity_id
_entity_poly.type
_entity_poly.pdbx_seq_one_letter_code
_entity_poly.pdbx_strand_id
1 'polydeoxyribonucleotide'
;(DA)(DC)(DC)(DT)(DG)(DT)(DG)(DA)(DC)(DA)(DA)(DA)(DT)(DT)(DG)(DC)(DC)(DC)(DT)(DC)
(DA)(DG)(DA)(DC)(DC)(DC)(DG)(DC)(DC)(DT)(DT)
;
A
2 'polydeoxyribonucleotide'
;(DG)(DT)(DA)(DA)(DG)(DG)(DC)(DG)(DG)(DG)(DT)(DC)(DT)(DG)(DA)(DG)(DG)(DG)(DC)(DA)
(DA)(DT)(DT)(DT)(DG)(DT)(DC)(DA)(DC)(DA)(DG)
;
B
3 'polypeptide(L)'
;MRGSHHHHHHGSMAETAVINHKKRKNSPRIVQSNDLTEAAYSLSRDQKRMLYLFVDQIRKSDGTLQEHDGICEIHVAKYA
EIFGLTSAEASKDIRQALKSFAGKEVVFYRPEEDAGDEKGYESFPWFIKPAHSPSRGLYSVHINPYLIPFFIGLQNRFTQ
FRLSETKEITNPYAMRLYESLCQYRKPDGSGIVSLKIDWIIERYQLPQSYQRMPDFRRRFLQVCVNEINSRTPMRLSYIE
KKKGRQTTHIVFSFRDITSMTTG
;
C
#
# COMPACT_ATOMS: atom_id res chain seq x y z
N ASN C 26 4.50 7.22 -19.08
CA ASN C 26 5.34 6.03 -19.13
C ASN C 26 5.90 5.67 -17.76
N SER C 27 5.07 5.82 -16.72
CA SER C 27 5.50 5.54 -15.36
C SER C 27 5.64 4.03 -15.14
N PRO C 28 6.42 3.63 -14.14
CA PRO C 28 6.64 2.21 -13.86
C PRO C 28 5.35 1.50 -13.42
N ARG C 29 5.05 0.36 -14.04
CA ARG C 29 3.79 -0.35 -13.78
C ARG C 29 3.97 -1.41 -12.70
N ILE C 30 3.47 -1.14 -11.50
CA ILE C 30 3.50 -2.10 -10.40
C ILE C 30 2.38 -3.11 -10.61
N VAL C 31 2.70 -4.40 -10.53
CA VAL C 31 1.65 -5.42 -10.47
C VAL C 31 2.04 -6.29 -9.28
N GLN C 32 1.03 -6.82 -8.59
CA GLN C 32 1.26 -7.62 -7.39
C GLN C 32 0.12 -8.60 -7.15
N SER C 33 0.49 -9.71 -6.52
CA SER C 33 -0.50 -10.70 -6.09
C SER C 33 -1.54 -10.10 -5.16
N ASN C 34 -2.79 -10.54 -5.37
CA ASN C 34 -3.87 -10.14 -4.49
C ASN C 34 -3.57 -10.48 -3.03
N ASP C 35 -2.75 -11.50 -2.80
CA ASP C 35 -2.44 -11.86 -1.42
C ASP C 35 -1.75 -10.70 -0.70
N LEU C 36 -0.99 -9.90 -1.44
CA LEU C 36 -0.38 -8.72 -0.84
C LEU C 36 -1.37 -7.57 -0.70
N THR C 37 -2.26 -7.38 -1.67
CA THR C 37 -3.28 -6.34 -1.54
C THR C 37 -4.08 -6.51 -0.25
N GLU C 38 -4.35 -7.76 0.11
CA GLU C 38 -5.22 -8.13 1.22
C GLU C 38 -4.46 -8.60 2.45
N ALA C 39 -3.14 -8.41 2.49
CA ALA C 39 -2.39 -8.85 3.65
C ALA C 39 -2.60 -7.91 4.84
N ALA C 40 -2.34 -8.43 6.04
CA ALA C 40 -2.39 -7.62 7.25
C ALA C 40 -0.99 -7.16 7.61
N TYR C 41 -0.82 -5.83 7.66
CA TYR C 41 0.46 -5.24 8.04
C TYR C 41 0.25 -3.76 8.33
N SER C 42 1.27 -3.17 8.95
CA SER C 42 1.26 -1.77 9.32
C SER C 42 2.55 -1.11 8.82
N LEU C 43 2.50 -0.38 7.71
CA LEU C 43 3.64 0.36 7.18
C LEU C 43 3.31 1.84 7.03
N SER C 44 4.34 2.68 7.18
CA SER C 44 4.22 4.11 6.95
C SER C 44 4.17 4.40 5.44
N ARG C 45 3.87 5.65 5.10
CA ARG C 45 3.91 6.08 3.70
C ARG C 45 5.27 5.82 3.08
N ASP C 46 6.35 6.29 3.73
CA ASP C 46 7.70 6.14 3.19
C ASP C 46 8.07 4.67 2.99
N GLN C 47 7.68 3.80 3.92
CA GLN C 47 7.98 2.37 3.76
C GLN C 47 7.26 1.76 2.55
N LYS C 48 5.99 2.11 2.36
CA LYS C 48 5.24 1.61 1.22
C LYS C 48 5.80 2.14 -0.11
N ARG C 49 6.28 3.38 -0.13
CA ARG C 49 6.88 3.90 -1.35
C ARG C 49 8.06 3.03 -1.77
N MET C 50 8.93 2.70 -0.81
CA MET C 50 10.08 1.84 -1.06
C MET C 50 9.61 0.44 -1.45
N LEU C 51 8.57 -0.05 -0.79
CA LEU C 51 8.08 -1.39 -1.10
C LEU C 51 7.63 -1.53 -2.56
N TYR C 52 7.08 -0.47 -3.16
CA TYR C 52 6.69 -0.55 -4.56
C TYR C 52 7.89 -0.79 -5.47
N LEU C 53 9.02 -0.17 -5.13
CA LEU C 53 10.20 -0.32 -5.98
C LEU C 53 10.81 -1.70 -5.81
N PHE C 54 10.82 -2.22 -4.59
CA PHE C 54 11.31 -3.59 -4.38
C PHE C 54 10.54 -4.58 -5.23
N VAL C 55 9.19 -4.48 -5.19
CA VAL C 55 8.31 -5.33 -5.99
C VAL C 55 8.60 -5.19 -7.47
N ASP C 56 8.93 -3.99 -7.93
CA ASP C 56 9.31 -3.83 -9.33
C ASP C 56 10.65 -4.49 -9.64
N GLN C 57 11.63 -4.28 -8.76
CA GLN C 57 12.95 -4.84 -8.97
C GLN C 57 12.89 -6.37 -9.00
N ILE C 58 12.49 -6.99 -7.90
CA ILE C 58 12.19 -8.43 -7.80
C ILE C 58 11.55 -8.96 -9.08
N ARG C 59 10.52 -8.27 -9.54
CA ARG C 59 9.70 -8.76 -10.64
C ARG C 59 10.48 -8.84 -11.95
N LYS C 60 11.38 -7.89 -12.21
CA LYS C 60 12.26 -8.03 -13.37
C LYS C 60 13.36 -9.05 -13.07
N SER C 61 13.04 -10.32 -13.31
CA SER C 61 13.95 -11.46 -13.12
C SER C 61 13.37 -12.71 -13.77
N HIS C 68 15.71 -15.55 -8.82
CA HIS C 68 16.08 -14.41 -7.99
C HIS C 68 16.23 -14.76 -6.48
N ASP C 69 16.80 -13.81 -5.70
CA ASP C 69 17.25 -14.09 -4.34
C ASP C 69 16.88 -13.04 -3.29
N GLY C 70 16.01 -12.08 -3.60
CA GLY C 70 15.53 -11.14 -2.61
C GLY C 70 16.34 -9.88 -2.36
N ILE C 71 17.55 -9.74 -2.90
CA ILE C 71 18.41 -8.60 -2.60
C ILE C 71 18.10 -7.44 -3.55
N CYS C 72 17.56 -6.34 -3.01
CA CYS C 72 17.25 -5.14 -3.77
C CYS C 72 18.14 -3.97 -3.37
N GLU C 73 17.99 -2.84 -4.08
CA GLU C 73 18.84 -1.68 -3.89
C GLU C 73 18.05 -0.38 -4.13
N ILE C 74 18.39 0.67 -3.36
CA ILE C 74 17.77 1.98 -3.53
C ILE C 74 18.83 3.07 -3.58
N HIS C 75 18.75 3.91 -4.60
CA HIS C 75 19.62 5.08 -4.75
C HIS C 75 18.92 6.34 -4.27
N VAL C 76 19.62 7.12 -3.44
CA VAL C 76 19.06 8.36 -2.92
C VAL C 76 18.63 9.27 -4.07
N ALA C 77 19.50 9.47 -5.06
CA ALA C 77 19.19 10.48 -6.07
C ALA C 77 18.03 10.11 -7.02
N LYS C 78 17.81 8.83 -7.35
CA LYS C 78 16.62 8.59 -8.20
C LYS C 78 15.32 8.69 -7.38
N TYR C 79 15.32 8.15 -6.15
CA TYR C 79 14.15 8.28 -5.27
C TYR C 79 13.74 9.73 -5.16
N ALA C 80 14.72 10.63 -5.01
CA ALA C 80 14.37 12.04 -4.86
C ALA C 80 13.63 12.51 -6.11
N GLU C 81 14.16 12.15 -7.27
CA GLU C 81 13.56 12.56 -8.53
C GLU C 81 12.18 11.94 -8.73
N ILE C 82 12.01 10.67 -8.34
CA ILE C 82 10.73 9.98 -8.53
C ILE C 82 9.62 10.68 -7.74
N PHE C 83 9.89 10.98 -6.47
CA PHE C 83 8.89 11.49 -5.53
C PHE C 83 9.00 13.00 -5.27
N GLY C 84 9.69 13.72 -6.16
CA GLY C 84 9.84 15.17 -6.04
C GLY C 84 10.37 15.67 -4.73
N LEU C 85 11.41 15.02 -4.20
CA LEU C 85 12.08 15.42 -2.96
C LEU C 85 13.46 15.99 -3.28
N THR C 86 13.99 16.77 -2.33
CA THR C 86 15.40 17.14 -2.36
C THR C 86 16.25 15.93 -2.01
N SER C 87 17.57 16.04 -2.27
CA SER C 87 18.49 14.97 -1.90
C SER C 87 18.50 14.75 -0.39
N ALA C 88 18.55 15.85 0.37
CA ALA C 88 18.55 15.76 1.83
C ALA C 88 17.32 15.04 2.36
N GLU C 89 16.13 15.47 1.93
CA GLU C 89 14.93 14.86 2.50
C GLU C 89 14.71 13.43 2.03
N ALA C 90 15.14 13.09 0.80
CA ALA C 90 15.17 11.68 0.38
C ALA C 90 16.04 10.84 1.31
N SER C 91 17.27 11.29 1.56
CA SER C 91 18.15 10.59 2.50
C SER C 91 17.45 10.39 3.85
N LYS C 92 16.84 11.44 4.39
CA LYS C 92 16.13 11.30 5.67
C LYS C 92 14.98 10.31 5.56
N ASP C 93 14.24 10.33 4.44
CA ASP C 93 13.10 9.42 4.35
C ASP C 93 13.58 7.98 4.28
N ILE C 94 14.55 7.68 3.37
CA ILE C 94 15.11 6.32 3.27
C ILE C 94 15.65 5.84 4.60
N ARG C 95 16.54 6.62 5.22
CA ARG C 95 17.20 6.17 6.45
C ARG C 95 16.20 5.75 7.52
N GLN C 96 15.23 6.63 7.81
CA GLN C 96 14.31 6.36 8.93
C GLN C 96 13.33 5.25 8.58
N ALA C 97 12.85 5.21 7.34
CA ALA C 97 12.02 4.09 6.87
C ALA C 97 12.74 2.77 7.08
N LEU C 98 14.03 2.71 6.68
CA LEU C 98 14.77 1.45 6.74
C LEU C 98 14.95 0.95 8.17
N LYS C 99 15.26 1.86 9.11
CA LYS C 99 15.38 1.47 10.52
C LYS C 99 14.06 0.97 11.09
N SER C 100 12.92 1.47 10.62
CA SER C 100 11.66 1.08 11.23
C SER C 100 11.09 -0.21 10.68
N PHE C 101 11.80 -0.89 9.76
CA PHE C 101 11.29 -2.18 9.31
C PHE C 101 11.50 -3.26 10.38
N ALA C 102 12.54 -3.08 11.20
CA ALA C 102 12.91 -4.05 12.22
C ALA C 102 11.71 -4.42 13.07
N GLY C 103 11.45 -5.71 13.18
CA GLY C 103 10.36 -6.20 14.00
C GLY C 103 9.01 -6.19 13.31
N LYS C 104 8.86 -5.57 12.12
CA LYS C 104 7.56 -5.62 11.44
C LYS C 104 7.32 -7.02 10.86
N GLU C 105 6.10 -7.53 10.98
CA GLU C 105 5.75 -8.81 10.36
C GLU C 105 4.67 -8.56 9.30
N VAL C 106 4.47 -9.54 8.40
CA VAL C 106 3.37 -9.53 7.44
C VAL C 106 2.62 -10.83 7.63
N VAL C 107 1.29 -10.77 7.62
CA VAL C 107 0.45 -11.94 7.82
C VAL C 107 -0.45 -12.15 6.62
N PHE C 108 -0.37 -13.36 6.05
CA PHE C 108 -1.21 -13.82 4.94
C PHE C 108 -2.19 -14.87 5.46
N TYR C 109 -3.48 -14.61 5.26
CA TYR C 109 -4.57 -15.43 5.80
C TYR C 109 -5.00 -16.54 4.85
N TYR C 121 -3.38 -17.95 8.11
CA TYR C 121 -2.63 -17.24 9.14
C TYR C 121 -1.13 -17.57 9.10
N GLU C 122 -0.32 -16.83 8.33
CA GLU C 122 1.11 -17.13 8.26
C GLU C 122 1.87 -15.81 8.34
N SER C 123 2.81 -15.68 9.28
CA SER C 123 3.54 -14.43 9.51
C SER C 123 5.01 -14.56 9.11
N PHE C 124 5.53 -13.52 8.47
CA PHE C 124 6.92 -13.48 8.03
C PHE C 124 7.48 -12.11 8.37
N PRO C 125 8.76 -12.02 8.65
CA PRO C 125 9.39 -10.71 8.73
C PRO C 125 9.72 -10.22 7.33
N TRP C 126 9.61 -8.91 7.15
CA TRP C 126 9.94 -8.34 5.84
C TRP C 126 11.44 -8.53 5.54
N PHE C 127 12.32 -8.18 6.50
CA PHE C 127 13.77 -8.22 6.32
C PHE C 127 14.38 -9.33 7.17
N ILE C 128 15.42 -9.98 6.66
CA ILE C 128 16.11 -11.00 7.45
C ILE C 128 17.54 -10.61 7.76
N LYS C 129 17.93 -9.38 7.41
CA LYS C 129 19.23 -8.80 7.70
C LYS C 129 19.07 -7.30 7.71
N PRO C 130 19.81 -6.59 8.54
CA PRO C 130 19.73 -5.12 8.49
C PRO C 130 20.22 -4.60 7.15
N ALA C 131 19.68 -3.45 6.75
CA ALA C 131 20.14 -2.71 5.59
C ALA C 131 21.52 -2.10 5.83
N HIS C 132 22.23 -1.78 4.74
CA HIS C 132 23.56 -1.16 4.87
C HIS C 132 23.89 -0.45 3.57
N SER C 133 24.83 0.51 3.68
CA SER C 133 25.26 1.34 2.57
C SER C 133 26.67 0.95 2.10
N PRO C 134 26.82 0.28 0.95
CA PRO C 134 28.18 0.07 0.42
C PRO C 134 28.81 1.36 -0.08
N SER C 135 28.00 2.30 -0.54
CA SER C 135 28.49 3.48 -1.22
C SER C 135 27.55 4.63 -0.89
N ARG C 136 28.11 5.84 -0.89
CA ARG C 136 27.37 7.06 -0.60
C ARG C 136 26.21 7.23 -1.60
N GLY C 137 24.98 7.35 -1.10
CA GLY C 137 23.83 7.51 -1.95
C GLY C 137 23.19 6.22 -2.40
N LEU C 138 23.56 5.10 -1.79
CA LEU C 138 23.15 3.77 -2.18
C LEU C 138 22.86 2.96 -0.93
N TYR C 139 21.75 2.24 -0.94
CA TYR C 139 21.36 1.36 0.14
C TYR C 139 21.10 -0.02 -0.44
N SER C 140 21.53 -1.05 0.29
CA SER C 140 21.34 -2.45 -0.08
C SER C 140 20.51 -3.15 0.99
N VAL C 141 19.50 -3.91 0.56
CA VAL C 141 18.50 -4.49 1.46
C VAL C 141 18.28 -5.97 1.14
N HIS C 142 17.97 -6.74 2.19
CA HIS C 142 17.81 -8.19 2.12
C HIS C 142 16.34 -8.54 2.43
N ILE C 143 15.49 -8.60 1.40
CA ILE C 143 14.09 -9.02 1.61
C ILE C 143 14.02 -10.52 1.85
N ASN C 144 13.15 -10.91 2.81
CA ASN C 144 12.86 -12.31 3.14
C ASN C 144 12.58 -13.10 1.87
N PRO C 145 13.43 -14.05 1.49
CA PRO C 145 13.18 -14.83 0.27
C PRO C 145 11.86 -15.59 0.26
N TYR C 146 11.30 -15.92 1.41
CA TYR C 146 10.00 -16.60 1.42
C TYR C 146 8.83 -15.69 1.02
N LEU C 147 9.06 -14.39 0.86
CA LEU C 147 8.00 -13.48 0.42
C LEU C 147 7.84 -13.43 -1.09
N ILE C 148 8.88 -13.87 -1.82
CA ILE C 148 8.87 -13.72 -3.28
C ILE C 148 7.63 -14.36 -3.89
N PRO C 149 7.27 -15.62 -3.61
CA PRO C 149 6.05 -16.19 -4.23
C PRO C 149 4.80 -15.40 -3.90
N PHE C 150 4.71 -14.84 -2.67
CA PHE C 150 3.59 -13.98 -2.31
C PHE C 150 3.58 -12.68 -3.07
N PHE C 151 4.72 -12.23 -3.58
CA PHE C 151 4.68 -11.02 -4.39
C PHE C 151 4.16 -11.30 -5.79
N ILE C 152 4.66 -12.35 -6.42
CA ILE C 152 4.30 -12.60 -7.82
C ILE C 152 3.72 -14.01 -7.97
N LEU C 154 0.32 -16.64 -8.74
CA LEU C 154 -0.85 -17.09 -9.49
C LEU C 154 -1.25 -16.06 -10.57
N GLN C 155 -1.40 -16.55 -11.81
CA GLN C 155 -1.71 -15.71 -12.97
C GLN C 155 -3.18 -15.31 -13.06
N ASN C 156 -4.03 -15.76 -12.12
CA ASN C 156 -5.42 -15.37 -12.13
C ASN C 156 -5.77 -14.29 -11.10
N ARG C 157 -4.83 -13.92 -10.23
CA ARG C 157 -5.22 -13.21 -9.01
C ARG C 157 -4.23 -12.10 -8.70
N PHE C 158 -4.38 -10.96 -9.37
CA PHE C 158 -3.37 -9.90 -9.27
C PHE C 158 -3.98 -8.50 -9.39
N THR C 159 -3.21 -7.53 -8.89
CA THR C 159 -3.53 -6.10 -8.79
C THR C 159 -2.52 -5.26 -9.55
N GLN C 160 -2.98 -4.22 -10.27
CA GLN C 160 -2.04 -3.41 -11.07
C GLN C 160 -2.43 -1.94 -11.15
N PHE C 161 -1.41 -1.09 -11.09
CA PHE C 161 -1.56 0.36 -11.13
C PHE C 161 -0.24 0.98 -11.56
N ARG C 162 -0.31 2.17 -12.15
CA ARG C 162 0.94 2.87 -12.45
C ARG C 162 1.33 3.72 -11.26
N LEU C 163 2.64 3.82 -11.06
CA LEU C 163 3.17 4.41 -9.85
C LEU C 163 2.78 5.88 -9.73
N SER C 164 2.64 6.55 -10.87
CA SER C 164 2.17 7.92 -10.86
C SER C 164 0.81 8.05 -10.22
N GLU C 165 0.01 6.98 -10.23
CA GLU C 165 -1.32 7.03 -9.61
C GLU C 165 -1.27 7.19 -8.10
N THR C 166 -0.21 6.71 -7.44
CA THR C 166 -0.22 6.71 -5.98
C THR C 166 0.83 7.62 -5.35
N LYS C 167 1.72 8.22 -6.12
CA LYS C 167 2.88 8.88 -5.52
C LYS C 167 2.56 10.24 -4.88
N GLU C 168 1.35 10.76 -5.05
CA GLU C 168 0.95 12.00 -4.39
C GLU C 168 0.10 11.76 -3.14
N ILE C 169 -0.41 10.53 -2.95
CA ILE C 169 -1.14 10.18 -1.73
C ILE C 169 -0.22 10.32 -0.52
N THR C 170 -0.77 10.84 0.58
CA THR C 170 0.02 11.02 1.81
C THR C 170 -0.27 10.00 2.91
N ASN C 171 -1.55 9.79 3.21
CA ASN C 171 -1.97 8.90 4.29
C ASN C 171 -1.81 7.45 3.86
N PRO C 172 -1.11 6.61 4.63
CA PRO C 172 -0.89 5.24 4.14
C PRO C 172 -2.17 4.45 4.03
N TYR C 173 -3.18 4.73 4.88
CA TYR C 173 -4.47 4.04 4.78
C TYR C 173 -5.21 4.37 3.49
N ALA C 174 -4.99 5.57 2.93
CA ALA C 174 -5.62 5.85 1.66
C ALA C 174 -4.89 5.10 0.54
N MET C 175 -3.58 4.88 0.76
CA MET C 175 -2.80 3.96 -0.07
C MET C 175 -3.33 2.52 -0.03
N ARG C 176 -3.58 1.98 1.17
N ARG C 176 -3.60 1.99 1.16
CA ARG C 176 -4.16 0.63 1.24
CA ARG C 176 -4.16 0.63 1.24
C ARG C 176 -5.47 0.59 0.47
C ARG C 176 -5.49 0.56 0.54
N LEU C 177 -6.35 1.57 0.72
CA LEU C 177 -7.69 1.58 0.14
C LEU C 177 -7.63 1.67 -1.38
N TYR C 178 -6.71 2.50 -1.90
CA TYR C 178 -6.64 2.63 -3.35
C TYR C 178 -6.15 1.34 -4.00
N GLU C 179 -5.31 0.57 -3.29
CA GLU C 179 -4.86 -0.72 -3.84
C GLU C 179 -6.01 -1.71 -3.87
N SER C 180 -6.87 -1.70 -2.85
N SER C 180 -6.86 -1.71 -2.83
CA SER C 180 -7.95 -2.68 -2.80
CA SER C 180 -7.96 -2.66 -2.80
C SER C 180 -9.04 -2.38 -3.83
C SER C 180 -8.97 -2.38 -3.91
N LEU C 181 -9.21 -1.11 -4.18
CA LEU C 181 -10.15 -0.77 -5.25
C LEU C 181 -9.58 -1.14 -6.61
N CYS C 182 -8.26 -0.95 -6.81
CA CYS C 182 -7.65 -1.31 -8.11
C CYS C 182 -7.84 -2.79 -8.38
N GLN C 183 -7.76 -3.60 -7.32
CA GLN C 183 -7.93 -5.04 -7.45
C GLN C 183 -9.24 -5.41 -8.15
N TYR C 184 -10.24 -4.54 -8.10
CA TYR C 184 -11.52 -4.82 -8.72
C TYR C 184 -11.75 -3.97 -9.96
N ARG C 185 -10.73 -3.24 -10.42
CA ARG C 185 -10.95 -2.33 -11.53
C ARG C 185 -11.05 -3.09 -12.85
N LYS C 186 -11.90 -2.59 -13.76
CA LYS C 186 -12.07 -3.03 -15.14
C LYS C 186 -11.23 -2.25 -16.15
N PRO C 187 -11.00 -2.83 -17.33
CA PRO C 187 -10.22 -2.12 -18.36
C PRO C 187 -10.67 -0.68 -18.57
N ASP C 188 -11.98 -0.42 -18.56
CA ASP C 188 -12.45 0.96 -18.68
C ASP C 188 -12.27 1.78 -17.42
N GLY C 189 -11.70 1.23 -16.36
CA GLY C 189 -11.31 2.03 -15.21
C GLY C 189 -12.37 2.16 -14.13
N SER C 190 -13.51 1.51 -14.30
CA SER C 190 -14.58 1.50 -13.31
C SER C 190 -14.63 0.19 -12.51
N GLY C 191 -15.39 0.25 -11.42
CA GLY C 191 -15.65 -0.94 -10.61
C GLY C 191 -16.56 -0.61 -9.45
N ILE C 192 -16.97 -1.67 -8.76
CA ILE C 192 -17.85 -1.57 -7.60
C ILE C 192 -17.55 -2.76 -6.70
N VAL C 193 -17.41 -2.52 -5.38
CA VAL C 193 -17.02 -3.57 -4.44
C VAL C 193 -17.53 -3.23 -3.04
N SER C 194 -17.88 -4.28 -2.28
CA SER C 194 -18.34 -4.17 -0.90
C SER C 194 -17.30 -4.75 0.07
N LEU C 195 -16.79 -3.91 0.94
CA LEU C 195 -15.78 -4.34 1.91
C LEU C 195 -16.37 -4.34 3.31
N LYS C 196 -16.11 -5.42 4.04
CA LYS C 196 -16.67 -5.54 5.38
C LYS C 196 -15.78 -4.79 6.37
N ILE C 197 -16.43 -4.13 7.33
CA ILE C 197 -15.71 -3.16 8.16
C ILE C 197 -14.70 -3.85 9.06
N ASP C 198 -15.07 -4.97 9.67
CA ASP C 198 -14.11 -5.72 10.48
C ASP C 198 -12.90 -6.14 9.66
N TRP C 199 -13.12 -6.54 8.40
CA TRP C 199 -12.00 -6.97 7.57
C TRP C 199 -11.09 -5.79 7.25
N ILE C 200 -11.67 -4.60 7.02
CA ILE C 200 -10.87 -3.38 6.85
C ILE C 200 -10.01 -3.12 8.08
N ILE C 201 -10.59 -3.27 9.28
CA ILE C 201 -9.85 -2.94 10.48
C ILE C 201 -8.71 -3.94 10.68
N GLU C 202 -8.98 -5.24 10.46
N GLU C 202 -8.94 -5.23 10.42
CA GLU C 202 -7.97 -6.28 10.62
CA GLU C 202 -7.91 -6.24 10.67
C GLU C 202 -6.82 -6.12 9.61
C GLU C 202 -6.81 -6.24 9.59
N ARG C 203 -7.15 -6.10 8.30
CA ARG C 203 -6.11 -6.11 7.25
C ARG C 203 -5.29 -4.81 7.22
N TYR C 204 -5.92 -3.66 7.37
CA TYR C 204 -5.16 -2.42 7.34
C TYR C 204 -4.63 -2.04 8.72
N GLN C 205 -4.97 -2.80 9.76
N GLN C 205 -4.96 -2.79 9.77
CA GLN C 205 -4.51 -2.58 11.13
CA GLN C 205 -4.46 -2.55 11.13
C GLN C 205 -4.78 -1.16 11.60
C GLN C 205 -4.78 -1.13 11.60
N LEU C 206 -6.04 -0.73 11.43
CA LEU C 206 -6.47 0.59 11.91
C LEU C 206 -6.31 0.68 13.43
N PRO C 207 -6.05 1.87 13.98
CA PRO C 207 -5.84 1.99 15.43
C PRO C 207 -7.13 1.79 16.24
N GLN C 208 -6.96 1.51 17.53
CA GLN C 208 -8.05 0.92 18.30
C GLN C 208 -9.26 1.84 18.40
N SER C 209 -9.06 3.15 18.51
CA SER C 209 -10.20 4.03 18.67
C SER C 209 -11.08 4.12 17.42
N TYR C 210 -10.63 3.62 16.26
CA TYR C 210 -11.52 3.61 15.11
C TYR C 210 -12.49 2.44 15.15
N GLN C 211 -12.51 1.70 16.23
CA GLN C 211 -13.59 0.74 16.42
C GLN C 211 -14.89 1.43 16.83
N ARG C 212 -14.84 2.70 17.25
CA ARG C 212 -16.03 3.54 17.43
C ARG C 212 -16.39 4.16 16.07
N MET C 213 -17.55 3.80 15.53
CA MET C 213 -17.88 4.17 14.16
C MET C 213 -17.79 5.66 13.86
N PRO C 214 -18.21 6.59 14.73
CA PRO C 214 -18.09 8.00 14.33
C PRO C 214 -16.64 8.43 14.15
N ASP C 215 -15.69 7.86 14.91
CA ASP C 215 -14.27 8.17 14.68
C ASP C 215 -13.79 7.53 13.37
N PHE C 216 -14.24 6.30 13.09
CA PHE C 216 -13.96 5.65 11.81
C PHE C 216 -14.36 6.56 10.64
N ARG C 217 -15.61 7.07 10.66
CA ARG C 217 -16.10 8.00 9.64
C ARG C 217 -15.19 9.23 9.50
N ARG C 218 -14.92 9.91 10.63
CA ARG C 218 -14.32 11.25 10.58
C ARG C 218 -12.84 11.21 10.23
N ARG C 219 -12.10 10.25 10.79
CA ARG C 219 -10.64 10.26 10.68
C ARG C 219 -10.05 9.27 9.68
N PHE C 220 -10.81 8.26 9.20
CA PHE C 220 -10.30 7.33 8.19
C PHE C 220 -11.09 7.47 6.89
N LEU C 221 -12.39 7.21 6.90
CA LEU C 221 -13.15 7.08 5.66
C LEU C 221 -13.21 8.41 4.89
N GLN C 222 -13.72 9.48 5.53
CA GLN C 222 -13.83 10.77 4.85
C GLN C 222 -12.48 11.30 4.39
N VAL C 223 -11.41 11.16 5.20
CA VAL C 223 -10.13 11.74 4.78
C VAL C 223 -9.60 10.99 3.56
N CYS C 224 -9.68 9.64 3.57
CA CYS C 224 -9.10 8.85 2.50
C CYS C 224 -9.92 8.90 1.20
N VAL C 225 -11.24 9.02 1.28
CA VAL C 225 -11.99 9.23 0.04
C VAL C 225 -11.67 10.62 -0.53
N ASN C 226 -11.41 11.61 0.33
N ASN C 226 -11.41 11.61 0.33
CA ASN C 226 -11.00 12.92 -0.15
CA ASN C 226 -11.02 12.93 -0.20
C ASN C 226 -9.67 12.85 -0.88
C ASN C 226 -9.65 12.86 -0.88
N GLU C 227 -8.67 12.17 -0.29
CA GLU C 227 -7.34 12.14 -0.89
C GLU C 227 -7.38 11.50 -2.28
N ILE C 228 -8.00 10.32 -2.36
CA ILE C 228 -8.15 9.61 -3.63
C ILE C 228 -8.80 10.53 -4.66
N ASN C 229 -9.91 11.18 -4.30
CA ASN C 229 -10.57 12.08 -5.25
C ASN C 229 -9.69 13.28 -5.63
N SER C 230 -8.71 13.62 -4.79
CA SER C 230 -7.89 14.80 -5.02
C SER C 230 -6.51 14.49 -5.58
N ARG C 231 -6.00 13.29 -5.35
CA ARG C 231 -4.60 13.04 -5.63
C ARG C 231 -4.38 11.98 -6.70
N THR C 232 -5.44 11.29 -7.15
CA THR C 232 -5.38 10.24 -8.15
C THR C 232 -6.31 10.57 -9.31
N PRO C 233 -6.26 9.82 -10.42
CA PRO C 233 -7.25 10.05 -11.48
C PRO C 233 -8.60 9.37 -11.25
N MET C 234 -8.84 8.71 -10.14
N MET C 234 -8.80 8.75 -10.08
CA MET C 234 -10.09 7.99 -9.98
CA MET C 234 -10.00 8.01 -9.73
C MET C 234 -11.05 8.74 -9.07
C MET C 234 -11.05 8.93 -9.13
N ARG C 235 -12.33 8.67 -9.44
CA ARG C 235 -13.44 9.40 -8.83
C ARG C 235 -14.35 8.43 -8.08
N LEU C 236 -14.40 8.60 -6.76
CA LEU C 236 -14.89 7.59 -5.82
C LEU C 236 -16.07 8.10 -5.00
N SER C 237 -17.10 7.25 -4.88
CA SER C 237 -18.24 7.50 -4.01
C SER C 237 -18.51 6.25 -3.19
N TYR C 238 -19.36 6.36 -2.15
CA TYR C 238 -19.65 5.20 -1.31
C TYR C 238 -20.99 5.39 -0.61
N ILE C 239 -21.52 4.27 -0.08
CA ILE C 239 -22.71 4.23 0.77
C ILE C 239 -22.54 3.15 1.85
N GLU C 240 -23.22 3.31 2.98
CA GLU C 240 -23.08 2.41 4.13
C GLU C 240 -24.16 1.34 4.14
N LYS C 241 -23.78 0.12 4.51
CA LYS C 241 -24.74 -0.98 4.62
C LYS C 241 -24.95 -1.25 6.11
N LYS C 242 -26.21 -1.33 6.51
CA LYS C 242 -26.59 -1.46 7.91
C LYS C 242 -27.29 -2.80 8.16
N LYS C 243 -27.22 -3.22 9.42
CA LYS C 243 -27.92 -4.41 9.88
C LYS C 243 -28.38 -4.04 11.29
N GLY C 244 -29.66 -3.74 11.42
CA GLY C 244 -30.11 -3.20 12.68
C GLY C 244 -29.62 -1.78 12.85
N ARG C 245 -29.01 -1.52 14.00
CA ARG C 245 -28.37 -0.27 14.32
C ARG C 245 -26.87 -0.23 14.02
N GLN C 246 -26.29 -1.37 13.64
CA GLN C 246 -24.87 -1.47 13.27
C GLN C 246 -24.62 -1.27 11.78
N THR C 247 -23.58 -0.52 11.46
CA THR C 247 -23.11 -0.42 10.08
C THR C 247 -22.07 -1.52 9.84
N THR C 248 -22.29 -2.34 8.81
CA THR C 248 -21.45 -3.54 8.64
C THR C 248 -20.49 -3.50 7.46
N HIS C 249 -20.89 -2.95 6.30
CA HIS C 249 -20.02 -2.91 5.13
C HIS C 249 -20.00 -1.49 4.56
N ILE C 250 -19.00 -1.20 3.74
CA ILE C 250 -18.98 0.02 2.93
C ILE C 250 -18.91 -0.37 1.46
N VAL C 251 -19.79 0.21 0.63
CA VAL C 251 -19.87 -0.14 -0.79
C VAL C 251 -19.34 1.03 -1.59
N PHE C 252 -18.25 0.80 -2.32
CA PHE C 252 -17.54 1.81 -3.07
C PHE C 252 -17.88 1.66 -4.56
N SER C 253 -18.15 2.78 -5.23
CA SER C 253 -18.25 2.83 -6.68
C SER C 253 -17.25 3.84 -7.23
N PHE C 254 -16.65 3.54 -8.39
CA PHE C 254 -15.69 4.46 -8.99
C PHE C 254 -15.64 4.34 -10.51
N ARG C 255 -15.17 5.43 -11.13
CA ARG C 255 -14.92 5.55 -12.56
C ARG C 255 -13.64 6.34 -12.74
N ASP C 256 -13.15 6.38 -13.97
CA ASP C 256 -11.92 7.08 -14.30
C ASP C 256 -12.15 8.41 -15.01
N ILE C 257 -11.32 9.40 -14.67
CA ILE C 257 -11.37 10.73 -15.28
C ILE C 257 -10.73 10.77 -16.68
#